data_2R2E
#
_entry.id   2R2E
#
_cell.length_a   43.110
_cell.length_b   81.170
_cell.length_c   132.360
_cell.angle_alpha   90.00
_cell.angle_beta   90.00
_cell.angle_gamma   90.00
#
_symmetry.space_group_name_H-M   'P 21 21 21'
#
loop_
_entity.id
_entity.type
_entity.pdbx_description
1 polymer 'Fab, antibody fragment (IgG1k), light chain'
2 polymer 'Fab, antibody fragment (IgG1k), heavy chain'
3 non-polymer 'prop-2-en-1-yl 3-deoxy-beta-L-gulo-oct-2-ulopyranosidonic acid'
4 water water
#
loop_
_entity_poly.entity_id
_entity_poly.type
_entity_poly.pdbx_seq_one_letter_code
_entity_poly.pdbx_strand_id
1 'polypeptide(L)'
;DIVMSQSPSSLAVSAGEKVTMSCKSSQSLLNSRTRKNYLAWYQQKPGQSPKLLIYWASTRESGVPDRFTGSGSGTDFTLT
ITSVQAEDLAVYYCKQSYNLRTFGGGTKLEIKRADAAPTVSIFPPSSEQLTSGGASVVCFLNNFYPKDINVKWKIDGSER
QNGVLNSWTDQDSKDSTYSMSSTLTLTKDEYERHNSYTCEATHKTSTSPIVKSFNRNEC
;
A
2 'polypeptide(L)'
;EVKLVESGGGLVQSGGSLRLSCATSGFTFTDYYMSWVRQPPGKALEWLGFIRNKANGYTTEYSPSVKGRFTISRDNSQSI
LYLQMNTLRAEDSATYYCARDHDGYYERFSYWGQGTLVTVSAAKTTPPSVYPLAPGSAAQTNSMVTLGCLVKGYFPEPVT
VTWNSGSLSSGVHTFPAVLQSDLYTLSSSVTVPSSTWPSETVTCNVAHPASSTKVDKKIVPR
;
B
#
# COMPACT_ATOMS: atom_id res chain seq x y z
N ASP A 1 24.81 8.81 -12.87
CA ASP A 1 23.99 9.65 -13.79
C ASP A 1 23.48 8.88 -15.03
N ILE A 2 22.66 7.85 -14.84
CA ILE A 2 21.74 7.46 -15.91
C ILE A 2 20.35 7.83 -15.41
N VAL A 3 19.68 8.71 -16.17
CA VAL A 3 18.34 9.15 -15.82
C VAL A 3 17.30 8.30 -16.58
N MET A 4 16.40 7.69 -15.81
CA MET A 4 15.31 6.86 -16.33
C MET A 4 14.00 7.64 -16.20
N SER A 5 13.15 7.60 -17.22
CA SER A 5 11.89 8.35 -17.21
C SER A 5 10.84 7.58 -17.95
N GLN A 6 9.59 7.67 -17.47
CA GLN A 6 8.51 6.86 -18.01
C GLN A 6 7.32 7.68 -18.50
N SER A 7 6.64 7.11 -19.49
CA SER A 7 5.43 7.67 -20.07
C SER A 7 4.41 6.59 -20.32
N PRO A 8 3.11 6.89 -20.07
CA PRO A 8 2.64 8.09 -19.34
C PRO A 8 2.86 7.97 -17.82
N SER A 9 2.49 9.02 -17.07
CA SER A 9 2.40 8.95 -15.60
C SER A 9 1.29 7.99 -15.18
N SER A 10 0.13 8.12 -15.82
CA SER A 10 -0.99 7.23 -15.57
C SER A 10 -1.95 7.14 -16.76
N LEU A 11 -2.71 6.04 -16.81
CA LEU A 11 -3.72 5.83 -17.84
C LEU A 11 -4.72 4.77 -17.37
N ALA A 12 -5.87 4.73 -18.04
CA ALA A 12 -6.92 3.76 -17.75
C ALA A 12 -7.32 3.09 -19.04
N VAL A 13 -7.39 1.77 -19.00
CA VAL A 13 -7.72 0.94 -20.15
C VAL A 13 -8.81 -0.02 -19.68
N SER A 14 -9.84 -0.26 -20.50
CA SER A 14 -10.85 -1.29 -20.19
C SER A 14 -10.21 -2.67 -20.28
N ALA A 15 -10.77 -3.64 -19.54
CA ALA A 15 -10.34 -5.03 -19.66
C ALA A 15 -10.44 -5.52 -21.11
N GLY A 16 -9.43 -6.28 -21.55
CA GLY A 16 -9.42 -6.86 -22.88
C GLY A 16 -8.85 -5.92 -23.93
N GLU A 17 -8.57 -4.70 -23.53
CA GLU A 17 -7.93 -3.76 -24.43
C GLU A 17 -6.41 -3.86 -24.30
N LYS A 18 -5.71 -3.10 -25.14
CA LYS A 18 -4.26 -3.11 -25.19
C LYS A 18 -3.70 -1.89 -24.44
N VAL A 19 -2.62 -2.10 -23.70
CA VAL A 19 -1.88 -1.03 -23.01
C VAL A 19 -0.48 -1.00 -23.63
N THR A 20 0.07 0.19 -23.85
CA THR A 20 1.48 0.34 -24.19
C THR A 20 1.99 1.45 -23.32
N MET A 21 3.21 1.29 -22.82
CA MET A 21 3.88 2.31 -22.03
C MET A 21 5.36 2.40 -22.39
N SER A 22 5.95 3.55 -22.13
CA SER A 22 7.29 3.85 -22.62
C SER A 22 8.26 4.09 -21.48
N CYS A 23 9.55 3.92 -21.80
CA CYS A 23 10.62 4.15 -20.85
C CYS A 23 11.82 4.68 -21.62
N LYS A 24 12.38 5.80 -21.17
CA LYS A 24 13.55 6.37 -21.77
C LYS A 24 14.79 6.23 -20.89
N SER A 25 15.93 6.03 -21.54
CA SER A 25 17.24 6.07 -20.91
C SER A 25 18.00 7.31 -21.41
N SER A 26 18.70 8.01 -20.52
CA SER A 26 19.45 9.21 -20.90
C SER A 26 20.68 8.87 -21.76
N GLN A 27 21.08 7.60 -21.69
CA GLN A 27 22.20 7.06 -22.44
C GLN A 27 21.92 5.58 -22.77
N SER A 28 22.50 5.07 -23.86
CA SER A 28 22.20 3.70 -24.30
C SER A 28 22.44 2.64 -23.23
N LEU A 29 21.58 1.62 -23.23
CA LEU A 29 21.69 0.52 -22.28
C LEU A 29 22.22 -0.75 -22.94
N LEU A 30 22.61 -0.61 -24.21
CA LEU A 30 23.17 -1.73 -24.97
C LEU A 30 24.65 -1.93 -24.63
N ASN A 31 24.95 -3.08 -24.03
CA ASN A 31 26.33 -3.47 -23.76
C ASN A 31 26.93 -4.05 -25.06
N SER A 32 28.02 -3.43 -25.52
CA SER A 32 28.69 -3.83 -26.77
C SER A 32 29.40 -5.18 -26.62
N ARG A 33 29.61 -5.55 -25.37
CA ARG A 33 30.40 -6.70 -24.96
C ARG A 33 29.48 -7.93 -24.81
N THR A 34 28.32 -7.74 -24.18
CA THR A 34 27.35 -8.83 -23.99
C THR A 34 26.18 -8.79 -24.99
N ARG A 35 26.02 -7.65 -25.66
CA ARG A 35 24.96 -7.37 -26.65
C ARG A 35 23.52 -7.47 -26.15
N LYS A 36 23.36 -7.31 -24.84
CA LYS A 36 22.05 -7.21 -24.23
C LYS A 36 21.79 -5.76 -23.84
N ASN A 37 20.51 -5.39 -23.90
CA ASN A 37 20.02 -4.14 -23.29
C ASN A 37 19.68 -4.49 -21.87
N TYR A 38 20.37 -3.86 -20.92
CA TYR A 38 20.13 -4.14 -19.51
C TYR A 38 18.99 -3.26 -19.04
N LEU A 39 17.77 -3.69 -19.33
CA LEU A 39 16.57 -2.95 -18.97
C LEU A 39 15.49 -3.91 -18.51
N ALA A 40 15.03 -3.72 -17.28
CA ALA A 40 13.98 -4.59 -16.72
C ALA A 40 12.69 -3.81 -16.46
N TRP A 41 11.59 -4.55 -16.43
CA TRP A 41 10.29 -4.01 -16.07
C TRP A 41 9.72 -4.77 -14.88
N TYR A 42 9.19 -4.01 -13.92
CA TYR A 42 8.61 -4.53 -12.68
C TYR A 42 7.16 -4.10 -12.51
N GLN A 43 6.38 -4.94 -11.84
CA GLN A 43 4.98 -4.72 -11.56
C GLN A 43 4.84 -4.62 -10.05
N GLN A 44 4.28 -3.51 -9.58
CA GLN A 44 3.95 -3.37 -8.18
C GLN A 44 2.44 -3.13 -8.02
N LYS A 45 1.71 -4.22 -7.81
CA LYS A 45 0.28 -4.16 -7.45
C LYS A 45 0.09 -3.50 -6.07
N PRO A 46 -1.07 -2.86 -5.85
CA PRO A 46 -1.30 -2.08 -4.62
C PRO A 46 -1.05 -2.87 -3.33
N GLY A 47 -0.23 -2.31 -2.43
CA GLY A 47 0.12 -2.96 -1.16
C GLY A 47 1.22 -4.00 -1.22
N GLN A 48 1.79 -4.22 -2.41
CA GLN A 48 2.70 -5.34 -2.63
C GLN A 48 4.14 -4.93 -2.90
N SER A 49 5.06 -5.87 -2.80
CA SER A 49 6.43 -5.68 -3.26
C SER A 49 6.48 -5.74 -4.80
N PRO A 50 7.42 -5.01 -5.42
CA PRO A 50 7.55 -5.12 -6.89
C PRO A 50 7.92 -6.53 -7.35
N LYS A 51 7.34 -6.95 -8.48
CA LYS A 51 7.64 -8.23 -9.14
C LYS A 51 8.22 -7.99 -10.54
N LEU A 52 9.36 -8.63 -10.79
CA LEU A 52 9.98 -8.68 -12.09
C LEU A 52 9.09 -9.35 -13.15
N LEU A 53 8.95 -8.68 -14.29
CA LEU A 53 8.11 -9.12 -15.39
C LEU A 53 8.94 -9.50 -16.61
N ILE A 54 9.93 -8.64 -16.88
CA ILE A 54 10.76 -8.66 -18.07
C ILE A 54 12.18 -8.27 -17.67
N TYR A 55 13.18 -8.83 -18.36
CA TYR A 55 14.58 -8.42 -18.19
C TYR A 55 15.30 -8.52 -19.52
N TRP A 56 16.48 -7.93 -19.62
CA TRP A 56 17.18 -7.78 -20.90
C TRP A 56 16.24 -7.21 -21.97
N ALA A 57 15.42 -6.23 -21.58
CA ALA A 57 14.45 -5.56 -22.46
C ALA A 57 13.27 -6.40 -22.96
N SER A 58 13.49 -7.68 -23.26
CA SER A 58 12.46 -8.47 -23.97
C SER A 58 12.26 -9.93 -23.52
N THR A 59 13.08 -10.38 -22.57
CA THR A 59 12.92 -11.71 -21.98
C THR A 59 11.94 -11.69 -20.82
N ARG A 60 10.88 -12.49 -20.97
CA ARG A 60 9.87 -12.73 -19.97
C ARG A 60 10.44 -13.49 -18.79
N GLU A 61 10.16 -13.01 -17.58
CA GLU A 61 10.39 -13.76 -16.37
C GLU A 61 9.46 -14.95 -16.46
N SER A 62 9.99 -16.14 -16.18
CA SER A 62 9.16 -17.32 -16.30
C SER A 62 8.06 -17.28 -15.22
N GLY A 63 6.88 -17.82 -15.55
CA GLY A 63 5.67 -17.56 -14.77
C GLY A 63 4.86 -16.40 -15.35
N VAL A 64 5.56 -15.41 -15.91
CA VAL A 64 4.90 -14.23 -16.49
C VAL A 64 4.21 -14.57 -17.83
N PRO A 65 2.91 -14.21 -17.95
CA PRO A 65 2.03 -14.50 -19.09
C PRO A 65 2.47 -13.86 -20.39
N ASP A 66 2.10 -14.48 -21.51
CA ASP A 66 2.58 -14.04 -22.83
C ASP A 66 1.90 -12.77 -23.34
N ARG A 67 0.93 -12.29 -22.56
CA ARG A 67 0.27 -11.02 -22.85
C ARG A 67 1.12 -9.80 -22.44
N PHE A 68 2.19 -10.02 -21.67
CA PHE A 68 3.21 -8.98 -21.40
C PHE A 68 4.39 -9.11 -22.34
N THR A 69 4.69 -8.04 -23.09
CA THR A 69 5.70 -8.03 -24.12
C THR A 69 6.60 -6.82 -23.95
N GLY A 70 7.88 -7.07 -23.67
CA GLY A 70 8.86 -6.00 -23.61
C GLY A 70 9.61 -5.88 -24.93
N SER A 71 9.82 -4.65 -25.39
CA SER A 71 10.55 -4.38 -26.63
C SER A 71 11.37 -3.09 -26.53
N GLY A 72 12.20 -2.82 -27.54
CA GLY A 72 13.06 -1.65 -27.55
C GLY A 72 14.56 -1.94 -27.56
N SER A 73 15.35 -0.88 -27.67
CA SER A 73 16.81 -0.96 -27.67
C SER A 73 17.43 0.43 -27.54
N GLY A 74 18.64 0.45 -26.99
CA GLY A 74 19.36 1.70 -26.84
C GLY A 74 18.82 2.49 -25.67
N THR A 75 17.97 3.45 -25.99
CA THR A 75 17.54 4.45 -25.03
C THR A 75 16.04 4.48 -24.87
N ASP A 76 15.32 3.56 -25.54
CA ASP A 76 13.86 3.64 -25.72
C ASP A 76 13.22 2.27 -25.64
N PHE A 77 12.34 2.09 -24.67
CA PHE A 77 11.77 0.77 -24.41
C PHE A 77 10.25 0.86 -24.23
N THR A 78 9.57 -0.27 -24.46
CA THR A 78 8.11 -0.33 -24.45
C THR A 78 7.63 -1.59 -23.75
N LEU A 79 6.66 -1.43 -22.84
CA LEU A 79 5.91 -2.56 -22.29
C LEU A 79 4.47 -2.50 -22.80
N THR A 80 4.07 -3.59 -23.44
CA THR A 80 2.75 -3.74 -24.01
C THR A 80 2.02 -4.85 -23.27
N ILE A 81 0.82 -4.54 -22.77
CA ILE A 81 -0.07 -5.55 -22.18
C ILE A 81 -1.27 -5.70 -23.13
N THR A 82 -1.52 -6.91 -23.59
CA THR A 82 -2.66 -7.18 -24.47
C THR A 82 -3.76 -7.89 -23.70
N SER A 83 -4.98 -7.83 -24.21
CA SER A 83 -6.15 -8.26 -23.45
C SER A 83 -5.94 -8.09 -21.93
N VAL A 84 -5.79 -6.82 -21.52
CA VAL A 84 -5.56 -6.43 -20.14
C VAL A 84 -6.63 -6.97 -19.19
N GLN A 85 -6.21 -7.52 -18.04
CA GLN A 85 -7.11 -8.05 -17.00
C GLN A 85 -7.26 -7.07 -15.84
N ALA A 86 -8.32 -7.25 -15.07
CA ALA A 86 -8.54 -6.50 -13.86
C ALA A 86 -7.35 -6.57 -12.87
N GLU A 87 -6.71 -7.75 -12.78
CA GLU A 87 -5.57 -7.95 -11.87
C GLU A 87 -4.26 -7.25 -12.29
N ASP A 88 -4.24 -6.69 -13.50
CA ASP A 88 -3.08 -5.97 -14.01
C ASP A 88 -3.00 -4.53 -13.52
N LEU A 89 -3.95 -4.14 -12.68
CA LEU A 89 -3.87 -2.90 -11.92
C LEU A 89 -2.58 -2.86 -11.10
N ALA A 90 -1.70 -1.90 -11.42
CA ALA A 90 -0.41 -1.76 -10.76
C ALA A 90 0.30 -0.52 -11.26
N VAL A 91 1.38 -0.15 -10.56
CA VAL A 91 2.40 0.74 -11.09
C VAL A 91 3.54 -0.09 -11.72
N TYR A 92 3.87 0.28 -12.96
CA TYR A 92 4.94 -0.36 -13.72
C TYR A 92 6.20 0.48 -13.73
N TYR A 93 7.33 -0.15 -13.44
CA TYR A 93 8.61 0.54 -13.37
C TYR A 93 9.59 -0.11 -14.31
N CYS A 94 10.32 0.71 -15.06
CA CYS A 94 11.46 0.20 -15.79
C CYS A 94 12.71 0.50 -14.97
N LYS A 95 13.76 -0.29 -15.20
CA LYS A 95 14.99 -0.22 -14.42
C LYS A 95 16.20 -0.63 -15.25
N GLN A 96 17.22 0.23 -15.26
CA GLN A 96 18.48 -0.09 -15.94
C GLN A 96 19.51 -0.72 -14.97
N SER A 97 20.25 -1.70 -15.48
CA SER A 97 21.36 -2.32 -14.74
C SER A 97 22.60 -2.31 -15.64
N TYR A 98 22.67 -1.33 -16.54
CA TYR A 98 23.81 -1.18 -17.41
C TYR A 98 24.98 -0.53 -16.66
N ASN A 99 24.67 0.39 -15.76
CA ASN A 99 25.70 1.01 -14.90
C ASN A 99 25.08 1.22 -13.52
N LEU A 100 25.42 0.32 -12.61
CA LEU A 100 24.73 0.21 -11.31
C LEU A 100 23.24 -0.08 -11.58
N ARG A 101 22.32 0.58 -10.88
CA ARG A 101 20.87 0.43 -11.14
C ARG A 101 20.11 1.74 -10.96
N THR A 102 19.08 1.97 -11.77
CA THR A 102 18.22 3.16 -11.65
C THR A 102 16.80 2.82 -12.09
N PHE A 103 15.81 3.23 -11.29
CA PHE A 103 14.40 3.04 -11.63
C PHE A 103 13.83 4.30 -12.29
N GLY A 104 12.90 4.09 -13.21
CA GLY A 104 12.10 5.19 -13.74
C GLY A 104 11.03 5.58 -12.75
N GLY A 105 10.27 6.63 -13.09
CA GLY A 105 9.31 7.21 -12.15
C GLY A 105 8.08 6.37 -11.95
N GLY A 106 7.80 5.47 -12.89
CA GLY A 106 6.62 4.62 -12.80
C GLY A 106 5.46 5.05 -13.68
N THR A 107 4.74 4.05 -14.19
CA THR A 107 3.45 4.21 -14.84
C THR A 107 2.28 3.55 -14.05
N LYS A 108 1.34 4.37 -13.60
CA LYS A 108 0.13 3.87 -12.94
C LYS A 108 -0.97 3.49 -13.95
N LEU A 109 -1.41 2.24 -13.88
CA LEU A 109 -2.44 1.73 -14.76
C LEU A 109 -3.75 1.56 -14.00
N GLU A 110 -4.76 2.39 -14.33
CA GLU A 110 -6.13 2.20 -13.87
C GLU A 110 -6.80 1.23 -14.84
N ILE A 111 -7.82 0.53 -14.35
CA ILE A 111 -8.67 -0.28 -15.20
C ILE A 111 -9.99 0.48 -15.33
N LYS A 112 -10.42 0.73 -16.57
CA LYS A 112 -11.75 1.30 -16.81
C LYS A 112 -12.79 0.18 -16.73
N ARG A 113 -13.97 0.51 -16.21
CA ARG A 113 -15.07 -0.43 -16.08
C ARG A 113 -16.38 0.34 -16.08
N ALA A 114 -17.48 -0.39 -15.99
CA ALA A 114 -18.82 0.21 -15.96
C ALA A 114 -19.15 0.85 -14.61
N ASP A 115 -19.85 1.98 -14.66
CA ASP A 115 -20.32 2.70 -13.48
C ASP A 115 -21.04 1.78 -12.51
N ALA A 116 -20.69 1.93 -11.24
CA ALA A 116 -21.33 1.21 -10.15
C ALA A 116 -21.68 2.21 -9.04
N ALA A 117 -22.83 1.98 -8.41
CA ALA A 117 -23.32 2.73 -7.26
C ALA A 117 -22.72 2.15 -5.98
N PRO A 118 -22.37 3.03 -5.01
CA PRO A 118 -21.80 2.55 -3.76
C PRO A 118 -22.83 1.92 -2.84
N THR A 119 -22.40 0.92 -2.06
CA THR A 119 -23.14 0.46 -0.89
C THR A 119 -22.68 1.34 0.28
N VAL A 120 -23.61 2.10 0.84
CA VAL A 120 -23.32 3.05 1.91
C VAL A 120 -23.77 2.47 3.26
N SER A 121 -22.93 2.65 4.27
CA SER A 121 -23.17 2.14 5.61
C SER A 121 -22.63 3.11 6.65
N ILE A 122 -23.44 3.37 7.67
CA ILE A 122 -23.14 4.34 8.70
C ILE A 122 -23.00 3.64 10.08
N PHE A 123 -22.13 4.18 10.93
CA PHE A 123 -21.84 3.55 12.22
C PHE A 123 -21.77 4.58 13.33
N PRO A 124 -22.63 4.42 14.36
CA PRO A 124 -22.61 5.32 15.51
C PRO A 124 -21.34 5.11 16.31
N PRO A 125 -20.93 6.12 17.09
CA PRO A 125 -19.83 5.94 18.02
C PRO A 125 -20.05 4.72 18.92
N SER A 126 -18.96 4.01 19.23
CA SER A 126 -18.99 2.90 20.16
C SER A 126 -18.98 3.45 21.58
N SER A 127 -19.50 2.65 22.50
CA SER A 127 -19.55 3.01 23.91
C SER A 127 -18.15 3.13 24.51
N GLU A 128 -17.24 2.28 24.06
CA GLU A 128 -15.83 2.37 24.45
C GLU A 128 -15.11 3.68 24.05
N GLN A 129 -15.52 4.31 22.95
CA GLN A 129 -14.94 5.60 22.55
C GLN A 129 -15.59 6.75 23.29
N LEU A 130 -16.91 6.69 23.41
CA LEU A 130 -17.67 7.71 24.13
C LEU A 130 -17.18 7.86 25.57
N THR A 131 -16.85 6.74 26.21
CA THR A 131 -16.39 6.72 27.59
C THR A 131 -15.09 7.48 27.75
N SER A 132 -14.39 7.72 26.64
CA SER A 132 -13.15 8.49 26.60
C SER A 132 -13.36 9.97 26.34
N GLY A 133 -14.54 10.34 25.86
CA GLY A 133 -14.89 11.75 25.63
C GLY A 133 -14.90 12.26 24.20
N GLY A 134 -14.74 11.35 23.25
CA GLY A 134 -14.88 11.65 21.83
C GLY A 134 -15.90 10.76 21.14
N ALA A 135 -16.27 11.13 19.92
CA ALA A 135 -17.30 10.38 19.17
C ALA A 135 -17.08 10.45 17.67
N SER A 136 -16.74 9.31 17.08
CA SER A 136 -16.53 9.20 15.64
C SER A 136 -17.70 8.50 14.99
N VAL A 137 -18.33 9.20 14.05
CA VAL A 137 -19.35 8.60 13.19
C VAL A 137 -18.63 8.17 11.92
N VAL A 138 -18.80 6.91 11.53
CA VAL A 138 -18.08 6.40 10.36
C VAL A 138 -19.08 6.03 9.31
N CYS A 139 -18.72 6.33 8.07
CA CYS A 139 -19.53 6.00 6.92
C CYS A 139 -18.65 5.33 5.85
N PHE A 140 -19.06 4.12 5.46
CA PHE A 140 -18.36 3.34 4.44
C PHE A 140 -19.15 3.44 3.13
N LEU A 141 -18.46 3.73 2.04
CA LEU A 141 -19.07 3.83 0.72
C LEU A 141 -18.28 2.88 -0.12
N ASN A 142 -18.87 1.72 -0.38
CA ASN A 142 -18.17 0.55 -0.87
C ASN A 142 -18.54 0.15 -2.29
N ASN A 143 -17.51 -0.25 -3.04
CA ASN A 143 -17.63 -0.85 -4.36
C ASN A 143 -18.33 -0.01 -5.45
N PHE A 144 -17.80 1.20 -5.67
CA PHE A 144 -18.30 2.13 -6.69
C PHE A 144 -17.28 2.52 -7.77
N TYR A 145 -17.78 2.84 -8.96
CA TYR A 145 -16.99 3.38 -10.06
C TYR A 145 -17.85 4.43 -10.77
N PRO A 146 -17.26 5.57 -11.20
CA PRO A 146 -15.86 6.03 -11.06
C PRO A 146 -15.52 6.53 -9.65
N LYS A 147 -14.23 6.78 -9.43
CA LYS A 147 -13.66 7.23 -8.14
C LYS A 147 -14.24 8.54 -7.60
N ASP A 148 -14.72 9.40 -8.49
CA ASP A 148 -15.33 10.66 -8.09
C ASP A 148 -16.62 10.43 -7.32
N ILE A 149 -16.65 10.98 -6.10
CA ILE A 149 -17.75 10.80 -5.15
C ILE A 149 -17.75 11.98 -4.14
N ASN A 150 -18.94 12.46 -3.81
CA ASN A 150 -19.12 13.50 -2.78
C ASN A 150 -19.76 12.90 -1.53
N VAL A 151 -19.26 13.29 -0.35
CA VAL A 151 -19.90 12.93 0.92
C VAL A 151 -20.22 14.19 1.72
N LYS A 152 -21.51 14.39 2.00
CA LYS A 152 -21.98 15.40 2.94
C LYS A 152 -22.40 14.72 4.24
N TRP A 153 -22.01 15.33 5.35
CA TRP A 153 -22.44 14.91 6.68
C TRP A 153 -23.51 15.87 7.17
N LYS A 154 -24.63 15.32 7.60
CA LYS A 154 -25.71 16.14 8.13
C LYS A 154 -26.14 15.78 9.56
N ILE A 155 -26.05 16.77 10.44
CA ILE A 155 -26.53 16.67 11.80
C ILE A 155 -27.80 17.50 12.01
N ASP A 156 -28.90 16.80 12.31
CA ASP A 156 -30.20 17.39 12.55
C ASP A 156 -30.73 18.13 11.33
N GLY A 157 -30.43 17.57 10.15
CA GLY A 157 -30.83 18.12 8.86
C GLY A 157 -29.89 19.20 8.34
N SER A 158 -28.74 19.37 9.01
CA SER A 158 -27.82 20.45 8.68
C SER A 158 -26.37 20.01 8.47
N GLU A 159 -25.78 20.54 7.42
CA GLU A 159 -24.44 20.21 6.95
C GLU A 159 -23.35 20.59 7.96
N ARG A 160 -22.32 19.74 8.03
CA ARG A 160 -21.17 19.87 8.92
C ARG A 160 -19.89 19.54 8.14
N GLN A 161 -18.95 20.49 8.06
CA GLN A 161 -17.74 20.31 7.24
C GLN A 161 -16.44 20.09 8.05
N ASN A 162 -16.40 20.67 9.25
CA ASN A 162 -15.26 20.51 10.18
C ASN A 162 -15.20 19.13 10.83
N GLY A 163 -14.00 18.56 10.91
CA GLY A 163 -13.77 17.28 11.59
C GLY A 163 -14.07 16.04 10.78
N VAL A 164 -13.83 16.12 9.46
CA VAL A 164 -14.06 14.99 8.54
C VAL A 164 -12.73 14.46 7.95
N LEU A 165 -12.57 13.15 7.99
CA LEU A 165 -11.43 12.49 7.37
C LEU A 165 -11.96 11.50 6.35
N ASN A 166 -11.47 11.63 5.13
CA ASN A 166 -11.84 10.74 4.07
C ASN A 166 -10.65 9.97 3.57
N SER A 167 -10.90 8.73 3.17
CA SER A 167 -9.86 7.88 2.66
C SER A 167 -10.43 6.92 1.61
N TRP A 168 -9.84 6.96 0.42
CA TRP A 168 -10.23 6.05 -0.66
C TRP A 168 -9.24 4.92 -0.69
N THR A 169 -9.75 3.71 -0.93
CA THR A 169 -8.88 2.55 -1.18
C THR A 169 -8.27 2.72 -2.57
N ASP A 170 -7.20 1.97 -2.83
CA ASP A 170 -6.74 1.76 -4.19
C ASP A 170 -7.84 0.94 -4.89
N GLN A 171 -7.85 0.97 -6.22
CA GLN A 171 -8.84 0.25 -7.00
C GLN A 171 -8.77 -1.25 -6.66
N ASP A 172 -9.90 -1.93 -6.79
CA ASP A 172 -10.00 -3.35 -6.47
C ASP A 172 -9.43 -4.16 -7.64
N SER A 173 -8.53 -5.09 -7.33
CA SER A 173 -7.85 -5.93 -8.31
C SER A 173 -8.77 -6.93 -9.04
N LYS A 174 -9.93 -7.20 -8.45
CA LYS A 174 -10.89 -8.15 -9.05
C LYS A 174 -12.14 -7.53 -9.68
N ASP A 175 -12.77 -6.55 -9.03
CA ASP A 175 -13.94 -5.94 -9.63
C ASP A 175 -13.77 -4.50 -10.11
N SER A 176 -12.57 -3.95 -9.94
CA SER A 176 -12.19 -2.63 -10.49
C SER A 176 -12.92 -1.42 -9.90
N THR A 177 -13.64 -1.65 -8.80
CA THR A 177 -14.34 -0.58 -8.07
C THR A 177 -13.44 0.08 -7.00
N TYR A 178 -13.92 1.20 -6.49
CA TYR A 178 -13.27 1.90 -5.41
C TYR A 178 -14.16 1.79 -4.21
N SER A 179 -13.58 2.04 -3.05
CA SER A 179 -14.36 2.20 -1.83
C SER A 179 -13.82 3.43 -1.13
N MET A 180 -14.59 3.94 -0.18
CA MET A 180 -14.23 5.16 0.54
C MET A 180 -14.73 5.11 1.99
N SER A 181 -13.96 5.74 2.87
CA SER A 181 -14.32 5.87 4.27
C SER A 181 -14.43 7.34 4.66
N SER A 182 -15.53 7.71 5.28
CA SER A 182 -15.65 9.06 5.85
C SER A 182 -15.91 8.97 7.34
N THR A 183 -15.12 9.68 8.10
CA THR A 183 -15.21 9.68 9.54
C THR A 183 -15.45 11.11 10.04
N LEU A 184 -16.53 11.30 10.80
CA LEU A 184 -16.77 12.58 11.49
C LEU A 184 -16.48 12.45 12.98
N THR A 185 -15.57 13.28 13.47
CA THR A 185 -15.19 13.24 14.88
C THR A 185 -15.70 14.48 15.63
N LEU A 186 -16.47 14.21 16.69
CA LEU A 186 -16.97 15.23 17.60
C LEU A 186 -16.45 14.89 18.98
N THR A 187 -16.62 15.81 19.92
CA THR A 187 -16.62 15.43 21.35
C THR A 187 -17.92 14.70 21.67
N LYS A 188 -17.94 14.01 22.82
CA LYS A 188 -19.12 13.29 23.31
C LYS A 188 -20.27 14.24 23.61
N ASP A 189 -19.91 15.37 24.24
CA ASP A 189 -20.85 16.44 24.54
C ASP A 189 -21.41 17.09 23.28
N GLU A 190 -20.57 17.29 22.24
CA GLU A 190 -21.07 17.73 20.94
C GLU A 190 -22.05 16.68 20.38
N TYR A 191 -21.65 15.42 20.44
CA TYR A 191 -22.44 14.31 19.88
C TYR A 191 -23.80 14.13 20.55
N GLU A 192 -23.82 14.30 21.86
CA GLU A 192 -25.03 14.04 22.64
C GLU A 192 -26.02 15.23 22.65
N ARG A 193 -25.74 16.28 21.87
CA ARG A 193 -26.68 17.41 21.77
C ARG A 193 -27.68 17.24 20.61
N HIS A 194 -27.35 16.36 19.69
CA HIS A 194 -28.02 16.31 18.40
C HIS A 194 -28.60 14.90 18.22
N ASN A 195 -29.64 14.73 17.41
CA ASN A 195 -30.32 13.43 17.31
C ASN A 195 -30.03 12.69 16.01
N SER A 196 -30.26 13.37 14.88
CA SER A 196 -30.12 12.77 13.56
C SER A 196 -28.68 12.86 13.02
N TYR A 197 -28.16 11.74 12.54
CA TYR A 197 -26.83 11.69 11.94
C TYR A 197 -26.89 11.04 10.55
N THR A 198 -26.47 11.80 9.53
CA THR A 198 -26.69 11.42 8.14
C THR A 198 -25.40 11.46 7.33
N CYS A 199 -25.11 10.34 6.67
CA CYS A 199 -24.07 10.27 5.66
C CYS A 199 -24.74 10.32 4.29
N GLU A 200 -24.33 11.29 3.49
CA GLU A 200 -24.94 11.52 2.20
C GLU A 200 -23.91 11.46 1.07
N ALA A 201 -24.07 10.47 0.18
CA ALA A 201 -23.13 10.27 -0.92
C ALA A 201 -23.75 10.64 -2.26
N THR A 202 -23.16 11.60 -2.94
CA THR A 202 -23.55 11.86 -4.32
C THR A 202 -22.52 11.33 -5.32
N HIS A 203 -23.00 10.40 -6.14
CA HIS A 203 -22.22 9.75 -7.17
C HIS A 203 -22.95 9.98 -8.49
N LYS A 204 -22.22 9.90 -9.61
CA LYS A 204 -22.79 10.20 -10.92
C LYS A 204 -23.87 9.20 -11.38
N THR A 205 -23.94 8.07 -10.68
CA THR A 205 -24.85 6.95 -11.00
C THR A 205 -26.35 7.17 -10.72
N SER A 206 -26.66 8.19 -9.92
CA SER A 206 -28.06 8.59 -9.69
C SER A 206 -28.13 10.09 -9.33
N THR A 207 -29.26 10.70 -9.64
CA THR A 207 -29.46 12.14 -9.41
C THR A 207 -29.97 12.46 -8.00
N SER A 208 -30.34 11.42 -7.24
CA SER A 208 -30.61 11.57 -5.81
C SER A 208 -29.47 10.94 -4.98
N PRO A 209 -29.02 11.62 -3.91
CA PRO A 209 -28.01 11.06 -3.00
C PRO A 209 -28.37 9.67 -2.42
N ILE A 210 -27.36 8.85 -2.16
CA ILE A 210 -27.60 7.70 -1.28
C ILE A 210 -27.41 8.19 0.15
N VAL A 211 -28.42 7.95 0.98
CA VAL A 211 -28.52 8.58 2.28
C VAL A 211 -28.66 7.49 3.33
N LYS A 212 -27.70 7.45 4.24
CA LYS A 212 -27.79 6.57 5.40
C LYS A 212 -27.78 7.43 6.63
N SER A 213 -28.65 7.08 7.56
CA SER A 213 -28.95 7.91 8.70
C SER A 213 -29.08 7.02 9.92
N PHE A 214 -28.82 7.59 11.10
CA PHE A 214 -29.22 6.97 12.39
C PHE A 214 -29.68 8.02 13.38
N ASN A 215 -30.56 7.63 14.29
CA ASN A 215 -31.05 8.56 15.31
C ASN A 215 -30.47 8.17 16.66
N ARG A 216 -29.90 9.16 17.34
CA ARG A 216 -29.18 8.94 18.58
C ARG A 216 -30.05 8.49 19.78
N ASN A 217 -31.32 8.90 19.81
CA ASN A 217 -32.25 8.43 20.84
C ASN A 217 -32.75 6.99 20.58
N GLU A 218 -32.32 6.43 19.44
CA GLU A 218 -32.56 5.03 19.08
C GLU A 218 -31.36 4.15 19.43
N CYS A 219 -30.33 4.77 20.03
CA CYS A 219 -29.13 4.08 20.45
C CYS A 219 -29.27 3.42 21.82
N GLU B 1 11.28 -22.72 -0.40
CA GLU B 1 10.96 -21.31 -0.73
C GLU B 1 12.23 -20.46 -0.61
N VAL B 2 12.58 -19.73 -1.68
CA VAL B 2 13.52 -18.62 -1.55
C VAL B 2 12.80 -17.52 -0.78
N LYS B 3 13.32 -17.15 0.38
CA LYS B 3 12.69 -16.14 1.23
C LYS B 3 13.65 -15.04 1.65
N LEU B 4 13.16 -13.80 1.68
CA LEU B 4 13.93 -12.63 2.13
C LEU B 4 13.04 -11.86 3.09
N VAL B 5 13.60 -11.47 4.24
CA VAL B 5 12.79 -10.93 5.33
C VAL B 5 13.50 -9.79 6.05
N GLU B 6 13.04 -8.56 5.81
CA GLU B 6 13.64 -7.34 6.39
C GLU B 6 13.17 -7.06 7.80
N SER B 7 14.04 -6.48 8.62
CA SER B 7 13.70 -6.05 9.98
C SER B 7 14.44 -4.77 10.32
N GLY B 8 14.07 -4.18 11.46
CA GLY B 8 14.80 -3.05 12.00
C GLY B 8 14.17 -1.70 11.72
N GLY B 9 13.00 -1.69 11.10
CA GLY B 9 12.29 -0.45 10.83
C GLY B 9 11.56 0.05 12.06
N GLY B 10 11.14 1.30 12.01
CA GLY B 10 10.45 1.90 13.12
C GLY B 10 10.78 3.37 13.09
N LEU B 11 10.51 4.02 14.21
CA LEU B 11 10.64 5.46 14.35
C LEU B 11 12.08 5.81 14.70
N VAL B 12 12.58 6.87 14.06
CA VAL B 12 13.88 7.41 14.36
C VAL B 12 13.79 8.93 14.21
N GLN B 13 14.66 9.64 14.92
CA GLN B 13 14.65 11.11 14.97
C GLN B 13 15.63 11.70 13.98
N SER B 14 15.27 12.84 13.38
CA SER B 14 16.18 13.57 12.48
C SER B 14 17.62 13.61 13.01
N GLY B 15 18.55 13.08 12.23
CA GLY B 15 19.95 13.13 12.61
C GLY B 15 20.43 11.82 13.20
N GLY B 16 19.48 10.97 13.61
CA GLY B 16 19.79 9.65 14.15
C GLY B 16 20.28 8.60 13.15
N SER B 17 20.77 7.49 13.69
CA SER B 17 21.21 6.33 12.92
C SER B 17 20.22 5.20 13.10
N LEU B 18 20.25 4.24 12.18
CA LEU B 18 19.36 3.08 12.21
C LEU B 18 19.93 2.01 11.28
N ARG B 19 20.05 0.77 11.78
CA ARG B 19 20.50 -0.33 10.96
C ARG B 19 19.35 -1.27 10.66
N LEU B 20 19.27 -1.64 9.38
CA LEU B 20 18.29 -2.59 8.92
C LEU B 20 18.96 -3.91 8.61
N SER B 21 18.21 -5.01 8.76
CA SER B 21 18.73 -6.32 8.52
C SER B 21 17.80 -7.00 7.56
N CYS B 22 18.32 -8.01 6.87
CA CYS B 22 17.56 -8.76 5.88
C CYS B 22 17.95 -10.24 5.98
N ALA B 23 17.07 -11.03 6.58
CA ALA B 23 17.25 -12.47 6.74
C ALA B 23 16.96 -13.20 5.46
N THR B 24 17.90 -14.00 5.00
CA THR B 24 17.69 -14.82 3.82
C THR B 24 17.78 -16.33 4.13
N SER B 25 17.03 -17.13 3.37
CA SER B 25 17.17 -18.57 3.34
C SER B 25 16.71 -19.09 1.98
N GLY B 26 16.96 -20.38 1.70
CA GLY B 26 16.44 -21.07 0.50
C GLY B 26 17.23 -20.96 -0.79
N PHE B 27 18.43 -20.38 -0.73
CA PHE B 27 19.33 -20.23 -1.88
C PHE B 27 20.76 -20.00 -1.39
N THR B 28 21.75 -20.12 -2.30
CA THR B 28 23.16 -19.95 -1.93
C THR B 28 23.58 -18.47 -1.93
N PHE B 29 23.40 -17.83 -0.78
CA PHE B 29 23.62 -16.42 -0.54
C PHE B 29 24.88 -15.82 -1.17
N THR B 30 26.02 -16.50 -1.01
CA THR B 30 27.31 -15.94 -1.47
C THR B 30 27.40 -15.82 -3.00
N ASP B 31 26.56 -16.60 -3.68
CA ASP B 31 26.47 -16.60 -5.13
C ASP B 31 25.83 -15.30 -5.68
N TYR B 32 25.14 -14.58 -4.81
CA TYR B 32 24.31 -13.45 -5.22
C TYR B 32 24.74 -12.09 -4.72
N TYR B 33 24.70 -11.11 -5.63
CA TYR B 33 24.66 -9.68 -5.30
C TYR B 33 23.38 -9.42 -4.52
N MET B 34 23.45 -8.50 -3.56
CA MET B 34 22.28 -8.14 -2.77
C MET B 34 22.07 -6.63 -2.71
N SER B 35 20.83 -6.19 -2.98
CA SER B 35 20.49 -4.77 -3.11
C SER B 35 19.50 -4.27 -2.06
N TRP B 36 19.65 -2.99 -1.73
CA TRP B 36 18.62 -2.29 -1.02
C TRP B 36 17.94 -1.30 -1.97
N VAL B 37 16.60 -1.35 -1.99
CA VAL B 37 15.75 -0.40 -2.73
C VAL B 37 14.75 0.24 -1.75
N ARG B 38 14.53 1.54 -1.87
CA ARG B 38 13.56 2.24 -1.01
C ARG B 38 12.42 2.90 -1.78
N GLN B 39 11.34 3.18 -1.07
CA GLN B 39 10.12 3.75 -1.66
C GLN B 39 9.38 4.63 -0.65
N PRO B 40 9.52 5.97 -0.75
CA PRO B 40 8.69 6.82 0.13
C PRO B 40 7.20 6.57 -0.17
N PRO B 41 6.31 6.74 0.84
CA PRO B 41 4.89 6.50 0.61
C PRO B 41 4.35 7.23 -0.63
N GLY B 42 3.63 6.49 -1.46
CA GLY B 42 3.08 7.00 -2.71
C GLY B 42 4.09 7.39 -3.78
N LYS B 43 5.38 7.05 -3.56
CA LYS B 43 6.47 7.51 -4.43
C LYS B 43 7.16 6.41 -5.22
N ALA B 44 8.12 6.83 -6.04
CA ALA B 44 8.86 5.91 -6.90
C ALA B 44 9.91 5.09 -6.13
N LEU B 45 10.16 3.89 -6.65
CA LEU B 45 11.30 3.05 -6.24
C LEU B 45 12.63 3.79 -6.40
N GLU B 46 13.51 3.63 -5.40
CA GLU B 46 14.83 4.23 -5.42
C GLU B 46 15.89 3.25 -4.98
N TRP B 47 16.76 2.89 -5.93
CA TRP B 47 17.90 2.01 -5.68
C TRP B 47 18.91 2.77 -4.85
N LEU B 48 19.46 2.08 -3.86
CA LEU B 48 20.37 2.70 -2.90
C LEU B 48 21.80 2.20 -2.99
N GLY B 49 21.95 0.93 -3.35
CA GLY B 49 23.25 0.30 -3.38
C GLY B 49 23.14 -1.20 -3.41
N PHE B 50 24.26 -1.85 -3.75
CA PHE B 50 24.40 -3.31 -3.65
C PHE B 50 25.75 -3.73 -3.08
N ILE B 51 25.84 -5.00 -2.72
CA ILE B 51 27.12 -5.61 -2.31
C ILE B 51 27.29 -6.85 -3.17
N ARG B 52 28.43 -6.95 -3.84
CA ARG B 52 28.63 -7.98 -4.85
C ARG B 52 28.75 -9.40 -4.27
N ASN B 53 28.84 -10.40 -5.14
CA ASN B 53 28.97 -11.78 -4.68
C ASN B 53 30.42 -12.16 -4.33
N LYS B 54 30.64 -13.42 -3.93
CA LYS B 54 31.99 -13.92 -3.59
C LYS B 54 32.94 -13.94 -4.78
N ALA B 55 32.42 -14.32 -5.96
CA ALA B 55 33.18 -14.20 -7.22
C ALA B 55 33.72 -12.80 -7.45
N ASN B 56 32.93 -11.79 -7.07
CA ASN B 56 33.35 -10.40 -7.22
C ASN B 56 33.86 -9.77 -5.92
N GLY B 57 34.15 -10.61 -4.93
CA GLY B 57 34.84 -10.19 -3.72
C GLY B 57 34.07 -9.35 -2.73
N TYR B 58 32.74 -9.40 -2.81
CA TYR B 58 31.84 -8.65 -1.90
C TYR B 58 32.05 -7.12 -1.85
N THR B 59 32.39 -6.53 -2.99
CA THR B 59 32.58 -5.09 -3.09
C THR B 59 31.21 -4.38 -3.12
N THR B 60 31.17 -3.16 -2.60
CA THR B 60 29.94 -2.39 -2.55
C THR B 60 29.92 -1.28 -3.60
N GLU B 61 28.70 -0.92 -4.02
CA GLU B 61 28.46 0.27 -4.82
C GLU B 61 27.16 0.93 -4.27
N TYR B 62 27.15 2.26 -4.26
CA TYR B 62 26.09 3.07 -3.65
C TYR B 62 25.58 4.09 -4.63
N SER B 63 24.32 4.48 -4.46
CA SER B 63 23.79 5.59 -5.23
C SER B 63 24.29 6.90 -4.60
N PRO B 64 24.52 7.94 -5.44
CA PRO B 64 24.97 9.25 -4.99
C PRO B 64 24.13 9.87 -3.87
N SER B 65 22.85 9.47 -3.79
CA SER B 65 21.91 10.00 -2.79
C SER B 65 22.20 9.55 -1.35
N VAL B 66 22.97 8.49 -1.19
CA VAL B 66 23.21 7.89 0.13
C VAL B 66 24.68 7.63 0.38
N LYS B 67 25.47 7.69 -0.70
CA LYS B 67 26.91 7.42 -0.62
C LYS B 67 27.57 8.35 0.39
N GLY B 68 28.19 7.75 1.41
CA GLY B 68 28.87 8.50 2.45
C GLY B 68 28.09 8.48 3.76
N ARG B 69 26.81 8.07 3.68
CA ARG B 69 25.89 8.07 4.81
C ARG B 69 25.36 6.69 5.14
N PHE B 70 25.06 5.91 4.11
CA PHE B 70 24.64 4.52 4.27
C PHE B 70 25.84 3.58 4.05
N THR B 71 25.81 2.41 4.70
CA THR B 71 26.79 1.33 4.49
C THR B 71 26.09 -0.02 4.37
N ILE B 72 26.42 -0.75 3.32
CA ILE B 72 25.92 -2.12 3.10
C ILE B 72 27.00 -3.14 3.54
N SER B 73 26.59 -4.15 4.29
CA SER B 73 27.45 -5.26 4.68
C SER B 73 26.63 -6.56 4.64
N ARG B 74 27.30 -7.69 4.72
CA ARG B 74 26.62 -8.99 4.67
C ARG B 74 27.26 -9.96 5.66
N ASP B 75 26.46 -10.87 6.20
CA ASP B 75 26.98 -11.94 7.04
C ASP B 75 26.84 -13.27 6.30
N ASN B 76 27.95 -13.75 5.80
CA ASN B 76 27.96 -14.96 4.99
C ASN B 76 27.86 -16.26 5.81
N SER B 77 28.07 -16.16 7.12
CA SER B 77 27.82 -17.28 8.07
C SER B 77 26.33 -17.59 8.11
N GLN B 78 25.54 -16.52 8.19
CA GLN B 78 24.11 -16.61 8.46
C GLN B 78 23.21 -16.18 7.32
N SER B 79 23.80 -15.80 6.19
CA SER B 79 23.04 -15.36 5.03
C SER B 79 22.15 -14.14 5.35
N ILE B 80 22.74 -13.13 5.99
CA ILE B 80 22.01 -11.92 6.38
C ILE B 80 22.65 -10.67 5.74
N LEU B 81 21.79 -9.80 5.22
CA LEU B 81 22.18 -8.53 4.58
C LEU B 81 21.84 -7.38 5.51
N TYR B 82 22.69 -6.37 5.54
CA TYR B 82 22.55 -5.22 6.42
C TYR B 82 22.65 -3.87 5.72
N LEU B 83 21.87 -2.90 6.20
CA LEU B 83 21.98 -1.51 5.78
C LEU B 83 22.14 -0.60 6.98
N GLN B 84 23.33 -0.04 7.13
CA GLN B 84 23.56 0.98 8.15
C GLN B 84 23.21 2.33 7.55
N MET B 85 22.35 3.07 8.25
CA MET B 85 21.92 4.39 7.81
C MET B 85 22.21 5.42 8.88
N ASN B 86 22.97 6.44 8.52
CA ASN B 86 23.37 7.48 9.44
C ASN B 86 22.83 8.83 9.02
N THR B 87 22.83 9.77 9.96
CA THR B 87 22.37 11.15 9.72
C THR B 87 21.05 11.14 8.96
N LEU B 88 20.06 10.46 9.54
CA LEU B 88 18.77 10.32 8.88
C LEU B 88 18.01 11.63 8.88
N ARG B 89 17.31 11.88 7.78
CA ARG B 89 16.42 13.04 7.62
C ARG B 89 15.06 12.59 7.09
N ALA B 90 14.12 13.54 7.09
CA ALA B 90 12.74 13.35 6.60
C ALA B 90 12.63 12.59 5.28
N GLU B 91 13.51 12.92 4.32
CA GLU B 91 13.56 12.33 2.98
C GLU B 91 13.74 10.83 3.00
N ASP B 92 14.29 10.31 4.11
CA ASP B 92 14.66 8.89 4.23
C ASP B 92 13.51 8.04 4.74
N SER B 93 12.39 8.68 5.08
CA SER B 93 11.16 7.97 5.48
C SER B 93 10.63 7.19 4.28
N ALA B 94 10.68 5.86 4.37
CA ALA B 94 10.35 5.03 3.21
C ALA B 94 10.16 3.56 3.60
N THR B 95 9.59 2.76 2.69
CA THR B 95 9.71 1.31 2.80
C THR B 95 11.08 0.92 2.21
N TYR B 96 11.82 0.12 2.96
CA TYR B 96 13.11 -0.37 2.50
C TYR B 96 12.99 -1.85 2.22
N TYR B 97 13.28 -2.23 0.98
CA TYR B 97 13.28 -3.61 0.52
C TYR B 97 14.71 -4.07 0.31
N CYS B 98 14.98 -5.33 0.64
CA CYS B 98 16.15 -6.02 0.16
C CYS B 98 15.75 -6.90 -1.01
N ALA B 99 16.60 -6.91 -2.03
CA ALA B 99 16.31 -7.62 -3.25
C ALA B 99 17.46 -8.56 -3.55
N ARG B 100 17.12 -9.79 -3.94
CA ARG B 100 18.14 -10.71 -4.47
C ARG B 100 18.52 -10.29 -5.90
N ASP B 101 19.73 -9.76 -6.02
CA ASP B 101 20.23 -9.19 -7.26
C ASP B 101 20.99 -10.24 -8.10
N HIS B 102 21.96 -9.74 -8.89
CA HIS B 102 22.76 -10.47 -9.90
C HIS B 102 23.55 -11.71 -9.42
N ASP B 103 23.70 -12.69 -10.31
CA ASP B 103 24.55 -13.88 -10.05
C ASP B 103 25.61 -14.19 -11.12
N GLY B 104 26.03 -13.18 -11.89
CA GLY B 104 27.21 -13.33 -12.78
C GLY B 104 26.94 -13.34 -14.27
N TYR B 105 25.77 -13.83 -14.65
CA TYR B 105 25.28 -13.74 -16.02
C TYR B 105 23.91 -13.07 -16.02
N TYR B 106 23.02 -13.60 -15.18
CA TYR B 106 21.59 -13.24 -15.05
C TYR B 106 21.26 -11.83 -14.53
N GLU B 107 20.62 -11.00 -15.37
CA GLU B 107 20.38 -9.58 -15.05
C GLU B 107 18.94 -9.14 -14.71
N ARG B 108 18.55 -9.35 -13.46
CA ARG B 108 17.18 -9.14 -12.98
C ARG B 108 17.12 -9.10 -11.42
N PHE B 109 15.96 -8.72 -10.87
CA PHE B 109 15.67 -8.84 -9.42
C PHE B 109 14.50 -9.81 -9.21
N SER B 110 14.75 -11.12 -9.22
CA SER B 110 13.66 -12.13 -9.16
C SER B 110 12.94 -12.24 -7.81
N TYR B 111 13.64 -11.90 -6.72
CA TYR B 111 13.08 -12.02 -5.38
C TYR B 111 13.32 -10.75 -4.55
N TRP B 112 12.24 -10.12 -4.09
CA TRP B 112 12.31 -9.02 -3.13
C TRP B 112 11.62 -9.48 -1.85
N GLY B 113 11.96 -8.86 -0.72
CA GLY B 113 11.23 -9.07 0.52
C GLY B 113 10.00 -8.18 0.63
N GLN B 114 9.30 -8.28 1.76
CA GLN B 114 8.05 -7.56 2.02
C GLN B 114 8.23 -6.07 2.33
N GLY B 115 9.43 -5.72 2.80
CA GLY B 115 9.75 -4.35 3.12
C GLY B 115 9.62 -4.04 4.59
N THR B 116 10.41 -3.07 5.04
CA THR B 116 10.32 -2.56 6.39
C THR B 116 10.24 -1.03 6.33
N LEU B 117 9.23 -0.46 7.01
CA LEU B 117 8.97 0.98 6.97
C LEU B 117 9.78 1.74 8.00
N VAL B 118 10.47 2.78 7.54
CA VAL B 118 11.27 3.64 8.41
C VAL B 118 10.59 4.99 8.43
N THR B 119 10.40 5.54 9.62
CA THR B 119 9.81 6.87 9.76
C THR B 119 10.84 7.76 10.46
N VAL B 120 11.15 8.90 9.87
CA VAL B 120 12.11 9.83 10.46
C VAL B 120 11.30 11.05 10.90
N SER B 121 11.07 11.14 12.21
CA SER B 121 10.18 12.15 12.77
C SER B 121 10.59 12.51 14.18
N ALA B 122 10.27 13.73 14.60
CA ALA B 122 10.46 14.17 15.99
C ALA B 122 9.27 13.76 16.89
N ALA B 123 8.16 13.36 16.26
CA ALA B 123 6.95 12.90 16.96
C ALA B 123 7.17 11.61 17.75
N LYS B 124 6.29 11.38 18.72
CA LYS B 124 6.44 10.34 19.72
C LYS B 124 5.61 9.11 19.33
N THR B 125 6.05 7.90 19.70
CA THR B 125 5.23 6.70 19.51
C THR B 125 3.92 6.83 20.31
N THR B 126 2.81 6.52 19.66
CA THR B 126 1.48 6.61 20.25
C THR B 126 0.73 5.40 19.75
N PRO B 127 0.24 4.54 20.67
CA PRO B 127 -0.51 3.39 20.19
C PRO B 127 -1.93 3.77 19.76
N PRO B 128 -2.56 2.94 18.90
CA PRO B 128 -3.92 3.17 18.49
C PRO B 128 -4.98 2.85 19.57
N SER B 129 -6.13 3.50 19.45
CA SER B 129 -7.35 3.01 20.05
C SER B 129 -8.11 2.28 18.95
N VAL B 130 -8.63 1.10 19.28
CA VAL B 130 -9.34 0.26 18.31
C VAL B 130 -10.79 0.24 18.73
N TYR B 131 -11.67 0.66 17.83
CA TYR B 131 -13.08 0.75 18.15
C TYR B 131 -13.86 -0.11 17.20
N PRO B 132 -14.81 -0.92 17.74
CA PRO B 132 -15.64 -1.74 16.87
C PRO B 132 -16.72 -0.92 16.18
N LEU B 133 -17.04 -1.30 14.94
CA LEU B 133 -18.14 -0.68 14.23
C LEU B 133 -19.25 -1.72 13.99
N ALA B 134 -20.25 -1.66 14.87
CA ALA B 134 -21.43 -2.49 14.76
C ALA B 134 -22.53 -1.59 14.23
N PRO B 135 -23.46 -2.14 13.39
CA PRO B 135 -24.57 -1.33 12.88
C PRO B 135 -25.38 -0.72 14.01
N GLY B 136 -25.90 0.48 13.78
CA GLY B 136 -26.81 1.10 14.72
C GLY B 136 -28.18 0.41 14.68
N SER B 137 -28.99 0.78 13.69
CA SER B 137 -30.38 0.34 13.65
C SER B 137 -31.01 0.33 12.23
N ALA B 138 -30.62 -0.67 11.43
CA ALA B 138 -31.16 -0.90 10.08
C ALA B 138 -31.56 -2.36 9.83
N ALA B 139 -32.39 -2.57 8.79
CA ALA B 139 -33.10 -3.84 8.51
C ALA B 139 -32.30 -5.15 8.34
N GLN B 140 -30.96 -5.09 8.41
CA GLN B 140 -30.06 -6.20 8.02
C GLN B 140 -30.70 -7.26 7.07
N THR B 141 -31.59 -6.82 6.18
CA THR B 141 -32.32 -7.74 5.30
C THR B 141 -31.54 -8.08 4.03
N ASN B 142 -30.36 -7.48 3.91
CA ASN B 142 -29.59 -7.48 2.67
C ASN B 142 -29.20 -8.86 2.16
N SER B 143 -28.90 -9.76 3.10
CA SER B 143 -28.13 -11.00 2.85
C SER B 143 -26.67 -10.71 3.15
N MET B 144 -26.34 -9.42 3.19
CA MET B 144 -24.97 -8.96 3.48
C MET B 144 -24.94 -7.85 4.53
N VAL B 145 -24.23 -8.11 5.63
CA VAL B 145 -23.97 -7.07 6.65
C VAL B 145 -22.51 -6.63 6.64
N THR B 146 -22.30 -5.32 6.72
CA THR B 146 -20.98 -4.74 6.79
C THR B 146 -20.66 -4.32 8.22
N LEU B 147 -19.50 -4.75 8.70
CA LEU B 147 -18.99 -4.35 10.00
C LEU B 147 -17.64 -3.66 9.82
N GLY B 148 -17.10 -3.12 10.91
CA GLY B 148 -15.85 -2.41 10.84
C GLY B 148 -15.04 -2.37 12.11
N CYS B 149 -13.81 -1.86 11.98
CA CYS B 149 -12.98 -1.46 13.11
C CYS B 149 -12.36 -0.11 12.80
N LEU B 150 -12.35 0.77 13.79
CA LEU B 150 -11.68 2.05 13.67
C LEU B 150 -10.34 2.01 14.42
N VAL B 151 -9.26 2.30 13.70
CA VAL B 151 -7.90 2.29 14.25
C VAL B 151 -7.43 3.74 14.27
N LYS B 152 -7.49 4.36 15.44
CA LYS B 152 -7.46 5.81 15.58
C LYS B 152 -6.31 6.30 16.46
N GLY B 153 -5.65 7.37 16.00
CA GLY B 153 -4.69 8.13 16.82
C GLY B 153 -3.40 7.43 17.15
N TYR B 154 -2.68 6.96 16.14
CA TYR B 154 -1.41 6.25 16.34
C TYR B 154 -0.28 6.88 15.55
N PHE B 155 0.94 6.64 16.02
CA PHE B 155 2.14 7.06 15.33
C PHE B 155 3.28 6.19 15.81
N PRO B 156 4.18 5.77 14.89
CA PRO B 156 4.16 5.96 13.44
C PRO B 156 3.37 4.84 12.74
N GLU B 157 3.30 4.92 11.41
CA GLU B 157 2.88 3.79 10.58
C GLU B 157 3.91 2.67 10.70
N PRO B 158 3.50 1.40 10.44
CA PRO B 158 2.19 0.96 10.00
C PRO B 158 1.33 0.32 11.09
N VAL B 159 0.12 -0.04 10.71
CA VAL B 159 -0.67 -1.05 11.45
C VAL B 159 -1.01 -2.17 10.47
N THR B 160 -1.37 -3.32 10.99
CA THR B 160 -1.86 -4.43 10.19
C THR B 160 -3.26 -4.79 10.72
N VAL B 161 -4.17 -5.09 9.80
CA VAL B 161 -5.53 -5.45 10.16
C VAL B 161 -5.91 -6.72 9.41
N THR B 162 -6.28 -7.75 10.16
CA THR B 162 -6.87 -8.95 9.61
C THR B 162 -8.25 -9.12 10.25
N TRP B 163 -9.07 -9.99 9.67
CA TRP B 163 -10.37 -10.32 10.23
C TRP B 163 -10.47 -11.82 10.39
N ASN B 164 -10.81 -12.23 11.62
CA ASN B 164 -10.81 -13.64 12.04
C ASN B 164 -9.49 -14.33 11.70
N SER B 165 -8.40 -13.66 12.08
CA SER B 165 -7.00 -14.12 11.89
C SER B 165 -6.71 -14.53 10.45
N GLY B 166 -7.25 -13.78 9.50
CA GLY B 166 -7.07 -14.07 8.07
C GLY B 166 -8.11 -14.99 7.47
N SER B 167 -8.97 -15.60 8.30
CA SER B 167 -10.02 -16.53 7.84
C SER B 167 -11.05 -15.81 6.99
N LEU B 168 -11.33 -14.56 7.38
CA LEU B 168 -12.12 -13.66 6.56
C LEU B 168 -11.17 -12.78 5.77
N SER B 169 -11.01 -13.15 4.50
CA SER B 169 -10.09 -12.46 3.60
C SER B 169 -10.88 -11.70 2.53
N SER B 170 -11.90 -12.37 1.98
CA SER B 170 -12.83 -11.80 1.00
C SER B 170 -13.76 -10.74 1.62
N GLY B 171 -14.02 -9.67 0.87
CA GLY B 171 -14.94 -8.62 1.34
C GLY B 171 -14.40 -7.73 2.45
N VAL B 172 -13.07 -7.68 2.57
CA VAL B 172 -12.40 -6.79 3.51
C VAL B 172 -11.86 -5.57 2.74
N HIS B 173 -12.17 -4.37 3.24
CA HIS B 173 -11.55 -3.14 2.73
C HIS B 173 -10.89 -2.41 3.87
N THR B 174 -9.57 -2.30 3.82
CA THR B 174 -8.81 -1.54 4.78
C THR B 174 -8.33 -0.31 4.05
N PHE B 175 -8.64 0.85 4.62
CA PHE B 175 -8.50 2.14 3.99
C PHE B 175 -7.21 2.79 4.48
N PRO B 176 -6.34 3.24 3.54
CA PRO B 176 -5.09 3.92 3.88
C PRO B 176 -5.24 4.95 5.00
N ALA B 177 -4.30 4.93 5.92
CA ALA B 177 -4.23 5.91 6.99
C ALA B 177 -4.13 7.36 6.48
N VAL B 178 -4.76 8.25 7.24
CA VAL B 178 -4.70 9.69 6.99
C VAL B 178 -4.08 10.37 8.20
N LEU B 179 -3.07 11.21 7.94
CA LEU B 179 -2.40 11.98 8.98
C LEU B 179 -3.12 13.30 9.21
N GLN B 180 -3.63 13.47 10.43
CA GLN B 180 -4.25 14.71 10.89
C GLN B 180 -3.64 15.03 12.24
N SER B 181 -3.01 16.21 12.29
CA SER B 181 -2.35 16.72 13.48
C SER B 181 -1.54 15.62 14.20
N ASP B 182 -0.54 15.11 13.48
CA ASP B 182 0.51 14.20 13.99
C ASP B 182 0.13 12.79 14.44
N LEU B 183 -1.12 12.42 14.23
CA LEU B 183 -1.59 11.07 14.56
C LEU B 183 -2.25 10.51 13.32
N TYR B 184 -2.06 9.21 13.09
CA TYR B 184 -2.77 8.51 12.03
C TYR B 184 -4.07 7.96 12.55
N THR B 185 -4.98 7.72 11.61
CA THR B 185 -6.24 7.05 11.84
C THR B 185 -6.53 6.28 10.56
N LEU B 186 -6.94 5.01 10.70
CA LEU B 186 -7.49 4.29 9.57
C LEU B 186 -8.70 3.45 9.96
N SER B 187 -9.35 2.89 8.95
CA SER B 187 -10.47 2.01 9.19
C SER B 187 -10.47 0.83 8.21
N SER B 188 -11.25 -0.20 8.56
CA SER B 188 -11.34 -1.41 7.77
C SER B 188 -12.78 -1.91 7.87
N SER B 189 -13.39 -2.25 6.74
CA SER B 189 -14.69 -2.90 6.76
C SER B 189 -14.61 -4.36 6.34
N VAL B 190 -15.56 -5.15 6.86
CA VAL B 190 -15.79 -6.52 6.39
C VAL B 190 -17.30 -6.74 6.07
N THR B 191 -17.57 -7.42 4.96
CA THR B 191 -18.94 -7.69 4.54
C THR B 191 -19.19 -9.19 4.54
N VAL B 192 -19.94 -9.66 5.52
CA VAL B 192 -20.28 -11.08 5.62
C VAL B 192 -21.79 -11.29 5.41
N PRO B 193 -22.20 -12.54 5.12
CA PRO B 193 -23.64 -12.83 5.06
C PRO B 193 -24.30 -12.54 6.39
N SER B 194 -25.47 -11.88 6.36
CA SER B 194 -26.21 -11.57 7.58
C SER B 194 -26.61 -12.84 8.31
N SER B 195 -26.63 -13.95 7.56
CA SER B 195 -26.76 -15.31 8.10
C SER B 195 -25.65 -15.60 9.10
N THR B 196 -24.45 -15.08 8.84
CA THR B 196 -23.29 -15.46 9.64
C THR B 196 -22.95 -14.54 10.82
N TRP B 197 -23.38 -13.29 10.78
CA TRP B 197 -23.21 -12.40 11.94
C TRP B 197 -24.56 -11.80 12.33
N PRO B 198 -24.89 -11.79 13.65
CA PRO B 198 -24.16 -12.10 14.90
C PRO B 198 -23.96 -13.56 15.30
N SER B 199 -24.64 -14.51 14.65
CA SER B 199 -24.58 -15.93 15.03
C SER B 199 -23.16 -16.53 14.94
N GLU B 200 -22.39 -16.10 13.95
CA GLU B 200 -20.94 -16.38 13.86
C GLU B 200 -20.12 -15.15 14.28
N THR B 201 -19.15 -15.37 15.16
CA THR B 201 -18.38 -14.28 15.75
C THR B 201 -17.36 -13.71 14.75
N VAL B 202 -17.25 -12.39 14.77
CA VAL B 202 -16.37 -11.64 13.88
C VAL B 202 -15.44 -10.79 14.73
N THR B 203 -14.15 -10.92 14.47
CA THR B 203 -13.08 -10.26 15.21
C THR B 203 -12.11 -9.54 14.25
N CYS B 204 -11.78 -8.27 14.55
CA CYS B 204 -10.64 -7.63 13.86
C CYS B 204 -9.39 -7.75 14.71
N ASN B 205 -8.34 -8.26 14.09
CA ASN B 205 -7.01 -8.33 14.72
C ASN B 205 -6.17 -7.17 14.22
N VAL B 206 -5.64 -6.41 15.16
CA VAL B 206 -4.90 -5.19 14.85
C VAL B 206 -3.57 -5.22 15.58
N ALA B 207 -2.49 -4.85 14.89
CA ALA B 207 -1.16 -4.70 15.51
C ALA B 207 -0.56 -3.36 15.11
N HIS B 208 0.23 -2.79 16.04
CA HIS B 208 0.98 -1.56 15.82
C HIS B 208 2.37 -1.89 16.30
N PRO B 209 3.23 -2.44 15.40
CA PRO B 209 4.53 -2.99 15.84
C PRO B 209 5.41 -2.01 16.61
N ALA B 210 5.25 -0.71 16.34
CA ALA B 210 6.05 0.32 17.02
C ALA B 210 5.78 0.40 18.53
N SER B 211 4.62 -0.06 18.95
CA SER B 211 4.29 -0.07 20.37
C SER B 211 3.98 -1.50 20.83
N SER B 212 4.34 -2.48 20.01
CA SER B 212 4.06 -3.88 20.31
C SER B 212 2.59 -4.11 20.72
N THR B 213 1.71 -3.27 20.17
CA THR B 213 0.27 -3.39 20.39
C THR B 213 -0.30 -4.52 19.57
N LYS B 214 -1.04 -5.41 20.23
CA LYS B 214 -1.84 -6.47 19.59
C LYS B 214 -3.25 -6.39 20.16
N VAL B 215 -4.24 -6.17 19.30
CA VAL B 215 -5.66 -6.07 19.71
C VAL B 215 -6.51 -7.10 18.94
N ASP B 216 -7.36 -7.83 19.65
CA ASP B 216 -8.37 -8.69 19.03
C ASP B 216 -9.74 -8.19 19.42
N LYS B 217 -10.32 -7.27 18.63
CA LYS B 217 -11.64 -6.70 18.92
C LYS B 217 -12.80 -7.48 18.29
N LYS B 218 -13.53 -8.22 19.13
CA LYS B 218 -14.77 -8.85 18.72
C LYS B 218 -15.85 -7.80 18.43
N ILE B 219 -16.62 -8.02 17.38
CA ILE B 219 -17.73 -7.14 17.03
C ILE B 219 -19.01 -7.76 17.62
N VAL B 220 -19.50 -7.15 18.68
CA VAL B 220 -20.64 -7.66 19.46
C VAL B 220 -21.87 -6.79 19.19
N PRO B 221 -23.06 -7.34 18.98
CA PRO B 221 -24.26 -6.51 18.79
C PRO B 221 -24.59 -5.68 20.02
#